data_1Z6A
#
_entry.id   1Z6A
#
_cell.length_a   83.890
_cell.length_b   83.890
_cell.length_c   227.540
_cell.angle_alpha   90.00
_cell.angle_beta   90.00
_cell.angle_gamma   90.00
#
_symmetry.space_group_name_H-M   'P 41 21 2'
#
loop_
_entity.id
_entity.type
_entity.pdbx_description
1 polymer 'Helicase of the snf2/rad54 family'
2 non-polymer 'MERCURY (II) ION'
3 non-polymer 'PHOSPHATE ION'
#
_entity_poly.entity_id   1
_entity_poly.type   'polypeptide(L)'
_entity_poly.pdbx_seq_one_letter_code
;MGSSHHHHHHSSGLVPRGSHMASKSFQLLEPYNIKANLRPYQIKGFSWMRFMNKLGFGICLADDMGLGKTLQTIAVFSDA
KKENELTPSLVICPLSVLKNWEEELSKFAPHLRFAVFHEDRSKIKLEDYDIILTTYAVLLRDTRLKEVEWKYIVIDEAQN
IKNPQTKIFKAVKELKSKYRIALTGTPIENKVDDLWSIMTFLNPGLLGSYSEFKSKFATPIKKGDNMAKEELKAIISPFI
LRRTKYDKAIINDLPDKIETNVYCNLTPEQAAMYKAEVENLFNNIDSVTGIKRKGMILSTLLKLKQIVDHPALLKGGEQS
VRRSGKMIRTMEIIEEALDEGDKIAIFTQFVDMGKIIRNIIEKELNTEVPFLYGELSKKERDDIISKFQNNPSVKFIVLS
VKAGGFGINLTSANRVIHFDRWWNPAVEDQATDRVYRIGQTRNVIVHKLISVGTLEEKIDQLLAFKRSLFKDIISSGDSW
ITELSTEELRKVIELSVGGY
;
_entity_poly.pdbx_strand_id   A
#
loop_
_chem_comp.id
_chem_comp.type
_chem_comp.name
_chem_comp.formula
HG non-polymer 'MERCURY (II) ION' 'Hg 2'
PO4 non-polymer 'PHOSPHATE ION' 'O4 P -3'
#
# COMPACT_ATOMS: atom_id res chain seq x y z
N LEU A 14 -3.57 6.29 21.81
CA LEU A 14 -3.67 5.58 20.50
C LEU A 14 -3.50 4.05 20.74
N VAL A 15 -4.21 3.53 21.73
CA VAL A 15 -4.14 2.10 22.07
C VAL A 15 -4.64 1.21 20.94
N PRO A 16 -3.82 0.23 20.57
CA PRO A 16 -4.17 -0.70 19.49
C PRO A 16 -3.04 -1.70 19.24
N ARG A 17 -2.52 -2.32 20.30
CA ARG A 17 -1.45 -3.29 20.15
C ARG A 17 -1.90 -4.69 20.61
N GLY A 18 -1.67 -5.68 19.76
CA GLY A 18 -2.04 -7.06 20.07
C GLY A 18 -0.83 -7.87 20.52
N SER A 19 -0.93 -8.48 21.71
CA SER A 19 0.14 -9.29 22.29
C SER A 19 0.04 -10.82 22.07
N HIS A 20 1.14 -11.50 22.33
CA HIS A 20 1.24 -12.95 22.17
C HIS A 20 2.57 -13.44 22.78
N MET A 21 2.68 -13.28 24.10
CA MET A 21 3.85 -13.67 24.90
C MET A 21 4.94 -14.45 24.18
N ALA A 22 6.19 -14.00 24.35
CA ALA A 22 7.35 -14.63 23.74
C ALA A 22 8.62 -13.75 23.76
N SER A 23 8.49 -12.47 24.11
CA SER A 23 9.64 -11.54 24.14
C SER A 23 10.55 -11.67 25.39
N LYS A 24 11.29 -12.78 25.48
CA LYS A 24 12.19 -13.05 26.60
C LYS A 24 13.08 -14.21 26.11
N SER A 25 12.47 -15.08 25.29
CA SER A 25 13.16 -16.22 24.70
C SER A 25 12.62 -16.53 23.28
N PHE A 26 12.40 -17.81 23.03
CA PHE A 26 11.91 -18.28 21.73
C PHE A 26 13.03 -18.17 20.70
N GLN A 27 12.80 -18.84 19.58
CA GLN A 27 13.76 -18.88 18.49
C GLN A 27 13.89 -17.59 17.69
N LEU A 28 14.68 -16.64 18.16
CA LEU A 28 14.83 -15.41 17.39
C LEU A 28 15.61 -15.74 16.13
N LEU A 29 14.97 -16.43 15.19
CA LEU A 29 15.61 -16.80 13.93
C LEU A 29 16.45 -15.69 13.33
N GLU A 30 17.49 -16.08 12.59
CA GLU A 30 18.35 -15.12 11.93
C GLU A 30 17.92 -15.10 10.47
N PRO A 31 17.49 -13.93 9.98
CA PRO A 31 17.08 -13.90 8.58
C PRO A 31 18.11 -14.63 7.72
N TYR A 32 17.63 -15.41 6.76
CA TYR A 32 18.49 -16.18 5.86
C TYR A 32 19.07 -15.27 4.79
N ASN A 33 18.98 -15.69 3.53
CA ASN A 33 19.48 -14.85 2.45
C ASN A 33 18.51 -13.70 2.27
N ILE A 34 18.64 -12.69 3.12
CA ILE A 34 17.76 -11.53 3.07
C ILE A 34 18.50 -10.21 3.15
N LYS A 35 18.51 -9.52 2.02
CA LYS A 35 19.19 -8.23 1.86
C LYS A 35 18.52 -7.09 2.64
N ALA A 36 18.71 -7.09 3.95
CA ALA A 36 18.13 -6.04 4.79
C ALA A 36 18.35 -6.28 6.27
N ASN A 37 18.33 -5.20 7.05
CA ASN A 37 18.51 -5.29 8.49
C ASN A 37 17.18 -5.09 9.21
N LEU A 38 16.40 -6.17 9.25
CA LEU A 38 15.11 -6.18 9.89
C LEU A 38 15.23 -5.63 11.30
N ARG A 39 14.48 -4.59 11.60
CA ARG A 39 14.52 -4.01 12.93
C ARG A 39 14.22 -5.17 13.86
N PRO A 40 14.68 -5.08 15.11
CA PRO A 40 14.41 -6.19 16.03
C PRO A 40 12.96 -6.67 15.99
N TYR A 41 12.02 -5.73 16.14
CA TYR A 41 10.59 -6.05 16.13
C TYR A 41 10.16 -6.91 14.94
N GLN A 42 10.95 -6.87 13.87
CA GLN A 42 10.61 -7.67 12.70
C GLN A 42 11.21 -9.06 12.82
N ILE A 43 12.45 -9.14 13.28
CA ILE A 43 13.08 -10.44 13.44
C ILE A 43 12.20 -11.29 14.35
N LYS A 44 11.60 -10.64 15.34
CA LYS A 44 10.71 -11.34 16.26
C LYS A 44 9.49 -11.80 15.47
N GLY A 45 8.60 -10.86 15.11
CA GLY A 45 7.42 -11.25 14.35
C GLY A 45 7.73 -12.34 13.34
N PHE A 46 8.81 -12.13 12.60
CA PHE A 46 9.25 -13.07 11.58
C PHE A 46 9.32 -14.47 12.19
N SER A 47 10.01 -14.55 13.33
CA SER A 47 10.18 -15.79 14.06
C SER A 47 8.87 -16.31 14.64
N TRP A 48 8.18 -15.48 15.41
CA TRP A 48 6.91 -15.89 16.02
C TRP A 48 6.00 -16.58 15.03
N MET A 49 5.92 -16.05 13.83
CA MET A 49 5.08 -16.63 12.80
C MET A 49 5.63 -18.02 12.50
N ARG A 50 6.90 -18.09 12.15
CA ARG A 50 7.55 -19.37 11.83
C ARG A 50 7.24 -20.38 12.93
N PHE A 51 7.43 -19.96 14.16
CA PHE A 51 7.17 -20.80 15.32
C PHE A 51 5.75 -21.39 15.25
N MET A 52 4.75 -20.53 15.32
CA MET A 52 3.36 -20.96 15.26
C MET A 52 3.05 -21.77 14.01
N ASN A 53 3.81 -21.53 12.96
CA ASN A 53 3.57 -22.25 11.73
C ASN A 53 3.97 -23.70 11.90
N LYS A 54 5.21 -23.90 12.33
CA LYS A 54 5.74 -25.24 12.54
C LYS A 54 4.83 -25.96 13.53
N LEU A 55 4.38 -25.24 14.55
CA LEU A 55 3.51 -25.82 15.57
C LEU A 55 2.19 -26.24 14.95
N GLY A 56 1.90 -25.73 13.76
CA GLY A 56 0.66 -26.09 13.09
C GLY A 56 -0.51 -25.13 13.23
N PHE A 57 -0.25 -23.92 13.74
CA PHE A 57 -1.32 -22.94 13.87
C PHE A 57 -1.12 -21.82 12.84
N GLY A 58 -2.25 -21.26 12.38
CA GLY A 58 -2.21 -20.18 11.43
C GLY A 58 -2.32 -18.90 12.22
N ILE A 59 -1.66 -17.84 11.75
CA ILE A 59 -1.68 -16.56 12.47
C ILE A 59 -1.85 -15.30 11.60
N CYS A 60 -2.38 -14.24 12.19
CA CYS A 60 -2.62 -12.97 11.50
C CYS A 60 -1.65 -11.91 11.97
N LEU A 61 -0.95 -11.28 11.03
CA LEU A 61 0.00 -10.23 11.36
C LEU A 61 -0.66 -8.90 11.04
N ALA A 62 -1.01 -8.12 12.05
CA ALA A 62 -1.70 -6.84 11.84
C ALA A 62 -0.92 -5.57 12.18
N ASP A 63 0.38 -5.56 11.90
CA ASP A 63 1.15 -4.37 12.21
C ASP A 63 0.75 -3.18 11.36
N ASP A 64 0.68 -2.00 11.96
CA ASP A 64 0.34 -0.80 11.22
C ASP A 64 1.00 -0.82 9.86
N MET A 65 0.25 -0.36 8.86
CA MET A 65 0.75 -0.30 7.49
C MET A 65 2.03 0.54 7.45
N GLY A 66 3.10 -0.01 6.91
CA GLY A 66 4.32 0.76 6.85
C GLY A 66 5.44 0.17 7.67
N LEU A 67 5.16 -0.89 8.41
CA LEU A 67 6.19 -1.52 9.21
C LEU A 67 6.71 -2.78 8.50
N GLY A 68 6.23 -2.98 7.28
CA GLY A 68 6.67 -4.09 6.47
C GLY A 68 6.32 -5.49 6.92
N LYS A 69 5.05 -5.84 6.82
CA LYS A 69 4.58 -7.15 7.20
C LYS A 69 5.04 -8.08 6.11
N THR A 70 5.22 -7.51 4.93
CA THR A 70 5.65 -8.29 3.78
C THR A 70 7.10 -8.71 3.89
N LEU A 71 7.96 -7.83 4.41
CA LEU A 71 9.37 -8.18 4.56
C LEU A 71 9.45 -9.36 5.54
N GLN A 72 8.82 -9.19 6.69
CA GLN A 72 8.80 -10.22 7.71
C GLN A 72 8.25 -11.47 7.07
N THR A 73 7.25 -11.29 6.22
CA THR A 73 6.65 -12.45 5.56
C THR A 73 7.62 -13.04 4.56
N ILE A 74 8.50 -12.21 4.02
CA ILE A 74 9.48 -12.72 3.07
C ILE A 74 10.38 -13.61 3.92
N ALA A 75 10.88 -13.06 5.03
CA ALA A 75 11.76 -13.81 5.93
C ALA A 75 11.11 -15.13 6.28
N VAL A 76 9.86 -15.07 6.73
CA VAL A 76 9.13 -16.27 7.07
C VAL A 76 9.28 -17.24 5.90
N PHE A 77 9.18 -16.70 4.68
CA PHE A 77 9.29 -17.49 3.45
C PHE A 77 10.68 -18.07 3.21
N SER A 78 11.71 -17.26 3.44
CA SER A 78 13.10 -17.66 3.24
C SER A 78 13.56 -18.70 4.25
N ASP A 79 13.20 -18.47 5.50
CA ASP A 79 13.57 -19.41 6.56
C ASP A 79 12.85 -20.75 6.37
N ALA A 80 11.81 -20.77 5.56
CA ALA A 80 11.06 -21.99 5.29
C ALA A 80 11.59 -22.60 4.00
N LYS A 81 12.60 -21.94 3.46
CA LYS A 81 13.28 -22.37 2.24
C LYS A 81 14.45 -23.21 2.71
N LYS A 82 15.21 -22.67 3.66
CA LYS A 82 16.36 -23.36 4.21
C LYS A 82 15.90 -24.56 5.01
N GLU A 83 14.63 -24.91 4.89
CA GLU A 83 14.09 -26.05 5.61
C GLU A 83 13.24 -26.96 4.73
N ASN A 84 13.19 -26.66 3.44
CA ASN A 84 12.42 -27.47 2.51
C ASN A 84 10.93 -27.49 2.88
N GLU A 85 10.39 -26.32 3.19
CA GLU A 85 8.97 -26.20 3.55
C GLU A 85 8.31 -25.04 2.83
N LEU A 86 8.99 -24.49 1.82
CA LEU A 86 8.45 -23.37 1.07
C LEU A 86 7.89 -23.76 -0.29
N THR A 87 8.71 -24.39 -1.12
CA THR A 87 8.27 -24.80 -2.45
C THR A 87 7.24 -25.92 -2.40
N PRO A 88 5.98 -25.63 -2.79
CA PRO A 88 5.51 -24.32 -3.26
C PRO A 88 4.58 -23.65 -2.24
N SER A 89 4.55 -22.33 -2.23
CA SER A 89 3.68 -21.57 -1.34
C SER A 89 2.82 -20.63 -2.18
N LEU A 90 1.68 -20.21 -1.66
CA LEU A 90 0.81 -19.31 -2.41
C LEU A 90 0.57 -17.99 -1.66
N VAL A 91 0.54 -16.89 -2.40
CA VAL A 91 0.27 -15.57 -1.82
C VAL A 91 -0.89 -14.96 -2.58
N ILE A 92 -1.98 -14.69 -1.87
CA ILE A 92 -3.16 -14.13 -2.50
C ILE A 92 -3.35 -12.68 -2.10
N CYS A 93 -2.77 -11.78 -2.89
CA CYS A 93 -2.84 -10.35 -2.65
C CYS A 93 -3.63 -9.63 -3.72
N PRO A 94 -4.21 -8.46 -3.38
CA PRO A 94 -4.99 -7.61 -4.30
C PRO A 94 -4.06 -7.06 -5.37
N LEU A 95 -4.55 -7.00 -6.61
CA LEU A 95 -3.74 -6.52 -7.73
C LEU A 95 -2.77 -5.42 -7.31
N SER A 96 -3.30 -4.38 -6.66
CA SER A 96 -2.51 -3.24 -6.19
C SER A 96 -1.15 -3.59 -5.61
N VAL A 97 -1.17 -4.36 -4.54
CA VAL A 97 0.06 -4.75 -3.85
C VAL A 97 0.93 -5.75 -4.62
N LEU A 98 0.38 -6.39 -5.63
CA LEU A 98 1.14 -7.36 -6.42
C LEU A 98 2.50 -6.82 -6.87
N LYS A 99 2.56 -5.53 -7.13
CA LYS A 99 3.82 -4.95 -7.56
C LYS A 99 4.76 -4.92 -6.35
N ASN A 100 4.24 -4.43 -5.23
CA ASN A 100 5.00 -4.35 -4.00
C ASN A 100 5.65 -5.71 -3.68
N TRP A 101 4.90 -6.78 -3.89
CA TRP A 101 5.42 -8.12 -3.62
C TRP A 101 6.60 -8.44 -4.50
N GLU A 102 6.35 -8.48 -5.80
CA GLU A 102 7.40 -8.76 -6.78
C GLU A 102 8.58 -7.86 -6.45
N GLU A 103 8.27 -6.59 -6.27
CA GLU A 103 9.25 -5.58 -5.94
C GLU A 103 10.17 -6.10 -4.85
N GLU A 104 9.59 -6.68 -3.79
CA GLU A 104 10.38 -7.16 -2.66
C GLU A 104 11.00 -8.55 -2.73
N LEU A 105 10.33 -9.51 -3.34
CA LEU A 105 10.93 -10.85 -3.46
C LEU A 105 12.22 -10.68 -4.25
N SER A 106 12.06 -10.33 -5.51
CA SER A 106 13.17 -10.13 -6.43
C SER A 106 14.32 -9.36 -5.79
N LYS A 107 14.00 -8.38 -4.96
CA LYS A 107 15.05 -7.60 -4.31
C LYS A 107 15.64 -8.27 -3.07
N PHE A 108 14.84 -8.33 -2.01
CA PHE A 108 15.29 -8.91 -0.74
C PHE A 108 15.64 -10.38 -0.79
N ALA A 109 14.76 -11.19 -1.36
CA ALA A 109 14.98 -12.63 -1.45
C ALA A 109 14.99 -13.07 -2.92
N PRO A 110 16.02 -12.65 -3.67
CA PRO A 110 16.18 -12.98 -5.10
C PRO A 110 16.24 -14.48 -5.33
N HIS A 111 16.94 -15.15 -4.43
CA HIS A 111 17.10 -16.60 -4.49
C HIS A 111 15.78 -17.31 -4.30
N LEU A 112 14.67 -16.58 -4.48
CA LEU A 112 13.35 -17.17 -4.31
C LEU A 112 12.51 -17.01 -5.58
N ARG A 113 12.20 -18.14 -6.23
CA ARG A 113 11.43 -18.13 -7.47
C ARG A 113 9.94 -17.81 -7.30
N PHE A 114 9.50 -16.72 -7.92
CA PHE A 114 8.09 -16.37 -7.86
C PHE A 114 7.54 -16.15 -9.24
N ALA A 115 6.22 -16.18 -9.36
CA ALA A 115 5.58 -15.97 -10.65
C ALA A 115 4.13 -15.58 -10.44
N VAL A 116 3.68 -14.56 -11.16
CA VAL A 116 2.31 -14.12 -11.03
C VAL A 116 1.41 -15.12 -11.77
N PHE A 117 0.15 -15.21 -11.33
CA PHE A 117 -0.83 -16.11 -11.90
C PHE A 117 -2.11 -15.33 -12.15
N HIS A 118 -2.21 -14.76 -13.35
CA HIS A 118 -3.39 -13.97 -13.72
C HIS A 118 -4.55 -14.84 -14.22
N GLU A 119 -5.18 -14.44 -15.32
CA GLU A 119 -6.31 -15.19 -15.84
C GLU A 119 -6.06 -16.68 -16.17
N ASP A 120 -6.80 -17.18 -17.16
CA ASP A 120 -6.74 -18.57 -17.62
C ASP A 120 -5.51 -19.40 -17.23
N ARG A 121 -5.78 -20.68 -16.96
CA ARG A 121 -4.77 -21.65 -16.55
C ARG A 121 -3.46 -21.41 -17.33
N SER A 122 -3.37 -21.90 -18.56
CA SER A 122 -2.16 -21.75 -19.38
C SER A 122 -1.01 -22.62 -18.87
N LYS A 123 0.23 -22.16 -19.08
CA LYS A 123 1.43 -22.88 -18.65
C LYS A 123 1.55 -22.94 -17.12
N ILE A 124 1.44 -24.16 -16.59
CA ILE A 124 1.50 -24.44 -15.15
C ILE A 124 2.77 -25.20 -14.76
N LYS A 125 3.49 -24.64 -13.80
CA LYS A 125 4.71 -25.25 -13.30
C LYS A 125 4.67 -24.88 -11.83
N LEU A 126 3.45 -24.64 -11.36
CA LEU A 126 3.18 -24.26 -9.97
C LEU A 126 4.11 -25.01 -9.03
N GLU A 127 4.02 -26.34 -9.02
CA GLU A 127 4.87 -27.16 -8.16
C GLU A 127 6.37 -26.82 -8.31
N ASP A 128 6.78 -26.38 -9.49
CA ASP A 128 8.19 -26.05 -9.70
C ASP A 128 8.58 -24.65 -9.22
N TYR A 129 7.59 -23.82 -8.92
CA TYR A 129 7.87 -22.48 -8.42
C TYR A 129 7.76 -22.41 -6.91
N ASP A 130 8.66 -21.66 -6.28
CA ASP A 130 8.66 -21.50 -4.82
C ASP A 130 7.37 -20.86 -4.34
N ILE A 131 7.06 -19.70 -4.92
CA ILE A 131 5.87 -18.94 -4.57
C ILE A 131 5.16 -18.51 -5.84
N ILE A 132 3.85 -18.28 -5.75
CA ILE A 132 3.10 -17.79 -6.89
C ILE A 132 2.13 -16.75 -6.36
N LEU A 133 2.01 -15.65 -7.09
CA LEU A 133 1.15 -14.53 -6.70
C LEU A 133 -0.22 -14.60 -7.38
N THR A 134 -1.26 -14.10 -6.71
CA THR A 134 -2.61 -14.12 -7.30
C THR A 134 -3.68 -13.29 -6.58
N THR A 135 -4.74 -12.95 -7.32
CA THR A 135 -5.83 -12.15 -6.77
C THR A 135 -6.99 -12.99 -6.29
N TYR A 136 -7.79 -12.41 -5.41
CA TYR A 136 -8.94 -13.10 -4.89
C TYR A 136 -9.82 -13.54 -6.04
N ALA A 137 -10.08 -12.64 -6.98
CA ALA A 137 -10.89 -12.97 -8.14
C ALA A 137 -10.28 -14.15 -8.91
N VAL A 138 -9.02 -14.00 -9.29
CA VAL A 138 -8.27 -15.02 -10.04
C VAL A 138 -8.43 -16.40 -9.38
N LEU A 139 -9.07 -16.41 -8.23
CA LEU A 139 -9.29 -17.64 -7.49
C LEU A 139 -10.72 -18.06 -7.74
N LEU A 140 -11.64 -17.16 -7.39
CA LEU A 140 -13.08 -17.35 -7.52
C LEU A 140 -13.53 -18.09 -8.79
N ARG A 141 -12.70 -18.07 -9.81
CA ARG A 141 -13.01 -18.74 -11.07
C ARG A 141 -11.80 -19.55 -11.52
N ASP A 142 -11.63 -20.72 -10.92
CA ASP A 142 -10.51 -21.57 -11.26
C ASP A 142 -10.68 -22.98 -10.69
N THR A 143 -9.61 -23.77 -10.80
CA THR A 143 -9.54 -25.14 -10.31
C THR A 143 -8.07 -25.49 -10.27
N ARG A 144 -7.37 -25.07 -11.32
CA ARG A 144 -5.94 -25.28 -11.49
C ARG A 144 -5.15 -25.42 -10.19
N LEU A 145 -5.35 -24.46 -9.29
CA LEU A 145 -4.66 -24.40 -8.01
C LEU A 145 -5.13 -25.38 -6.94
N LYS A 146 -6.44 -25.48 -6.75
CA LYS A 146 -6.98 -26.37 -5.73
C LYS A 146 -6.24 -27.70 -5.71
N GLU A 147 -5.87 -28.19 -6.88
CA GLU A 147 -5.14 -29.45 -7.02
C GLU A 147 -3.82 -29.42 -6.26
N VAL A 148 -3.16 -28.27 -6.32
CA VAL A 148 -1.88 -28.08 -5.66
C VAL A 148 -1.94 -28.20 -4.14
N GLU A 149 -0.91 -28.80 -3.56
CA GLU A 149 -0.79 -28.94 -2.12
C GLU A 149 0.31 -27.97 -1.74
N TRP A 150 -0.09 -26.75 -1.39
CA TRP A 150 0.86 -25.70 -1.03
C TRP A 150 1.32 -25.81 0.40
N LYS A 151 2.58 -25.47 0.62
CA LYS A 151 3.11 -25.51 1.96
C LYS A 151 2.46 -24.29 2.63
N TYR A 152 2.88 -23.09 2.21
CA TYR A 152 2.31 -21.86 2.73
C TYR A 152 1.20 -21.31 1.85
N ILE A 153 0.34 -20.52 2.47
CA ILE A 153 -0.76 -19.84 1.78
C ILE A 153 -1.02 -18.54 2.53
N VAL A 154 -0.44 -17.46 2.03
CA VAL A 154 -0.60 -16.16 2.64
C VAL A 154 -1.76 -15.38 2.03
N ILE A 155 -2.64 -14.87 2.88
CA ILE A 155 -3.74 -14.06 2.40
C ILE A 155 -3.33 -12.64 2.77
N ASP A 156 -3.00 -11.83 1.78
CA ASP A 156 -2.62 -10.46 2.06
C ASP A 156 -3.81 -9.54 1.88
N GLU A 157 -4.64 -9.45 2.90
CA GLU A 157 -5.82 -8.59 2.88
C GLU A 157 -5.37 -7.18 3.13
N ALA A 158 -4.44 -6.70 2.33
CA ALA A 158 -3.94 -5.36 2.50
C ALA A 158 -5.08 -4.36 2.80
N GLN A 159 -4.76 -3.06 2.80
CA GLN A 159 -5.79 -2.06 3.08
C GLN A 159 -6.93 -2.11 2.06
N ASN A 160 -6.93 -3.14 1.20
CA ASN A 160 -7.93 -3.35 0.16
C ASN A 160 -9.35 -2.91 0.59
N ILE A 161 -10.00 -2.13 -0.26
CA ILE A 161 -11.35 -1.59 -0.03
C ILE A 161 -11.86 -1.78 1.39
N LYS A 162 -12.66 -2.83 1.61
CA LYS A 162 -13.18 -3.14 2.94
C LYS A 162 -13.86 -4.50 3.00
N ASN A 163 -14.74 -4.77 2.05
CA ASN A 163 -15.42 -6.06 2.01
C ASN A 163 -14.39 -7.06 1.51
N PRO A 164 -13.90 -7.95 2.41
CA PRO A 164 -12.90 -8.96 2.05
C PRO A 164 -13.50 -10.37 2.02
N GLN A 165 -14.46 -10.60 2.92
CA GLN A 165 -15.14 -11.87 3.06
C GLN A 165 -15.89 -12.27 1.78
N THR A 166 -16.87 -13.16 1.92
CA THR A 166 -17.64 -13.59 0.79
C THR A 166 -17.27 -14.99 0.32
N LYS A 167 -17.90 -15.40 -0.78
CA LYS A 167 -17.66 -16.70 -1.38
C LYS A 167 -16.17 -16.93 -1.62
N ILE A 168 -15.39 -15.86 -1.54
CA ILE A 168 -13.95 -15.96 -1.76
C ILE A 168 -13.30 -16.83 -0.69
N PHE A 169 -13.59 -16.54 0.57
CA PHE A 169 -13.00 -17.32 1.64
C PHE A 169 -13.35 -18.80 1.46
N LYS A 170 -14.61 -19.10 1.18
CA LYS A 170 -14.99 -20.49 0.99
C LYS A 170 -14.03 -21.15 -0.01
N ALA A 171 -13.58 -20.38 -0.98
CA ALA A 171 -12.65 -20.89 -1.97
C ALA A 171 -11.31 -21.13 -1.30
N VAL A 172 -10.74 -20.07 -0.74
CA VAL A 172 -9.46 -20.17 -0.07
C VAL A 172 -9.55 -21.26 1.00
N LYS A 173 -10.49 -21.07 1.92
CA LYS A 173 -10.72 -22.00 3.02
C LYS A 173 -11.17 -23.36 2.48
N GLU A 174 -10.57 -23.75 1.35
CA GLU A 174 -10.89 -25.03 0.72
C GLU A 174 -9.69 -25.50 -0.08
N LEU A 175 -8.57 -24.83 0.09
CA LEU A 175 -7.36 -25.20 -0.63
C LEU A 175 -6.58 -26.23 0.18
N LYS A 176 -5.27 -26.30 -0.04
CA LYS A 176 -4.47 -27.27 0.69
C LYS A 176 -3.12 -26.69 1.06
N SER A 177 -3.00 -26.31 2.32
CA SER A 177 -1.78 -25.73 2.85
C SER A 177 -1.21 -26.57 3.98
N LYS A 178 -0.11 -26.08 4.53
CA LYS A 178 0.57 -26.74 5.63
C LYS A 178 0.91 -25.61 6.59
N TYR A 179 0.85 -24.38 6.06
CA TYR A 179 1.13 -23.18 6.82
C TYR A 179 0.17 -22.07 6.36
N ARG A 180 -0.22 -21.20 7.29
CA ARG A 180 -1.14 -20.12 6.98
C ARG A 180 -0.86 -18.80 7.72
N ILE A 181 -0.71 -17.73 6.95
CA ILE A 181 -0.47 -16.40 7.49
C ILE A 181 -1.57 -15.51 6.96
N ALA A 182 -1.73 -14.33 7.55
CA ALA A 182 -2.74 -13.40 7.11
C ALA A 182 -2.33 -12.01 7.54
N LEU A 183 -1.94 -11.20 6.57
CA LEU A 183 -1.54 -9.83 6.84
C LEU A 183 -2.79 -8.94 6.78
N THR A 184 -3.07 -8.18 7.83
CA THR A 184 -4.26 -7.34 7.82
C THR A 184 -4.06 -6.00 8.49
N GLY A 185 -5.09 -5.15 8.40
CA GLY A 185 -5.03 -3.82 8.97
C GLY A 185 -5.02 -3.74 10.49
N THR A 186 -6.18 -3.44 11.07
CA THR A 186 -6.30 -3.36 12.51
C THR A 186 -7.61 -4.04 12.92
N PRO A 187 -7.55 -5.02 13.84
CA PRO A 187 -8.69 -5.80 14.34
C PRO A 187 -9.89 -4.99 14.81
N ILE A 188 -10.16 -3.89 14.12
CA ILE A 188 -11.29 -3.00 14.41
C ILE A 188 -12.46 -3.80 14.97
N GLU A 189 -13.04 -3.30 16.06
CA GLU A 189 -14.18 -3.96 16.69
C GLU A 189 -15.28 -4.25 15.68
N ASN A 190 -15.18 -3.64 14.50
CA ASN A 190 -16.16 -3.85 13.45
C ASN A 190 -15.81 -5.15 12.72
N LYS A 191 -14.51 -5.30 12.47
CA LYS A 191 -13.98 -6.47 11.79
C LYS A 191 -14.49 -7.78 12.39
N VAL A 192 -15.14 -7.69 13.55
CA VAL A 192 -15.67 -8.88 14.23
C VAL A 192 -16.11 -9.97 13.27
N ASP A 193 -17.10 -9.69 12.44
CA ASP A 193 -17.61 -10.68 11.50
C ASP A 193 -16.55 -11.16 10.50
N ASP A 194 -15.49 -10.38 10.34
CA ASP A 194 -14.41 -10.77 9.45
C ASP A 194 -13.45 -11.62 10.26
N LEU A 195 -13.38 -11.30 11.55
CA LEU A 195 -12.52 -12.00 12.48
C LEU A 195 -12.81 -13.49 12.40
N TRP A 196 -14.08 -13.83 12.31
CA TRP A 196 -14.46 -15.24 12.22
C TRP A 196 -13.96 -15.84 10.93
N SER A 197 -14.07 -15.08 9.86
CA SER A 197 -13.64 -15.55 8.56
C SER A 197 -12.15 -15.78 8.51
N ILE A 198 -11.38 -14.85 9.06
CA ILE A 198 -9.93 -14.98 9.03
C ILE A 198 -9.41 -16.03 10.02
N MET A 199 -9.96 -16.02 11.23
CA MET A 199 -9.53 -16.98 12.25
C MET A 199 -9.82 -18.37 11.74
N THR A 200 -11.01 -18.51 11.17
CA THR A 200 -11.41 -19.77 10.61
C THR A 200 -10.35 -20.16 9.58
N PHE A 201 -10.13 -19.32 8.57
CA PHE A 201 -9.13 -19.64 7.56
C PHE A 201 -7.83 -20.09 8.18
N LEU A 202 -7.33 -19.31 9.13
CA LEU A 202 -6.07 -19.63 9.78
C LEU A 202 -6.20 -20.90 10.60
N ASN A 203 -7.18 -20.94 11.48
CA ASN A 203 -7.36 -22.11 12.32
C ASN A 203 -8.82 -22.56 12.28
N PRO A 204 -9.13 -23.42 11.30
CA PRO A 204 -10.50 -23.92 11.14
C PRO A 204 -11.06 -24.58 12.38
N GLY A 205 -12.37 -24.43 12.55
CA GLY A 205 -13.05 -25.01 13.68
C GLY A 205 -12.94 -24.13 14.91
N LEU A 206 -11.73 -23.68 15.20
CA LEU A 206 -11.49 -22.83 16.36
C LEU A 206 -12.69 -22.00 16.82
N LEU A 207 -13.39 -21.36 15.89
CA LEU A 207 -14.53 -20.54 16.26
C LEU A 207 -15.89 -21.14 15.99
N GLY A 208 -15.91 -22.34 15.45
CA GLY A 208 -17.18 -22.99 15.16
C GLY A 208 -17.72 -22.64 13.80
N SER A 209 -18.98 -22.22 13.76
CA SER A 209 -19.64 -21.85 12.52
C SER A 209 -19.96 -20.36 12.53
N TYR A 210 -20.16 -19.78 11.35
CA TYR A 210 -20.47 -18.36 11.24
C TYR A 210 -21.72 -18.06 12.05
N SER A 211 -22.78 -18.80 11.75
CA SER A 211 -24.04 -18.61 12.46
C SER A 211 -23.70 -18.52 13.95
N GLU A 212 -23.19 -19.62 14.47
CA GLU A 212 -22.80 -19.76 15.86
C GLU A 212 -22.01 -18.55 16.36
N PHE A 213 -20.98 -18.19 15.60
CA PHE A 213 -20.12 -17.06 15.95
C PHE A 213 -20.92 -15.79 16.23
N LYS A 214 -21.43 -15.18 15.16
CA LYS A 214 -22.21 -13.95 15.25
C LYS A 214 -23.19 -13.97 16.41
N SER A 215 -23.96 -15.06 16.46
CA SER A 215 -24.96 -15.30 17.48
C SER A 215 -24.50 -15.02 18.92
N LYS A 216 -23.37 -15.62 19.29
CA LYS A 216 -22.84 -15.50 20.65
C LYS A 216 -21.71 -14.47 20.80
N PHE A 217 -21.13 -14.03 19.71
CA PHE A 217 -20.05 -13.05 19.76
C PHE A 217 -20.40 -11.69 19.15
N ALA A 218 -20.69 -11.71 17.85
CA ALA A 218 -21.01 -10.49 17.10
C ALA A 218 -22.16 -9.70 17.68
N THR A 219 -23.38 -10.14 17.41
CA THR A 219 -24.55 -9.44 17.91
C THR A 219 -24.34 -8.91 19.33
N PRO A 220 -23.73 -9.71 20.22
CA PRO A 220 -23.51 -9.22 21.59
C PRO A 220 -22.43 -8.14 21.72
N ILE A 221 -21.21 -8.46 21.32
CA ILE A 221 -20.10 -7.50 21.41
C ILE A 221 -20.50 -6.12 20.87
N LYS A 222 -20.88 -6.09 19.60
CA LYS A 222 -21.31 -4.85 18.94
C LYS A 222 -22.43 -4.22 19.76
N LYS A 223 -23.35 -5.06 20.23
CA LYS A 223 -24.49 -4.61 21.04
C LYS A 223 -23.98 -4.20 22.43
N GLY A 224 -22.67 -4.02 22.54
CA GLY A 224 -22.08 -3.60 23.81
C GLY A 224 -22.00 -4.69 24.88
N ASP A 225 -21.06 -5.61 24.72
CA ASP A 225 -20.88 -6.69 25.68
C ASP A 225 -19.41 -6.92 25.93
N ASN A 226 -18.84 -6.13 26.83
CA ASN A 226 -17.42 -6.24 27.16
C ASN A 226 -17.07 -7.63 27.69
N MET A 227 -18.07 -8.50 27.76
CA MET A 227 -17.87 -9.86 28.27
C MET A 227 -17.41 -10.81 27.18
N ALA A 228 -18.27 -11.06 26.19
CA ALA A 228 -17.93 -11.94 25.09
C ALA A 228 -16.78 -11.35 24.31
N LYS A 229 -16.64 -10.03 24.42
CA LYS A 229 -15.58 -9.29 23.74
C LYS A 229 -14.23 -9.71 24.29
N GLU A 230 -14.06 -9.55 25.59
CA GLU A 230 -12.83 -9.92 26.27
C GLU A 230 -12.56 -11.39 26.01
N GLU A 231 -13.63 -12.17 26.02
CA GLU A 231 -13.51 -13.59 25.80
C GLU A 231 -12.94 -13.86 24.43
N LEU A 232 -13.61 -13.40 23.39
CA LEU A 232 -13.12 -13.61 22.04
C LEU A 232 -11.67 -13.20 21.94
N LYS A 233 -11.36 -12.00 22.42
CA LYS A 233 -9.98 -11.55 22.38
C LYS A 233 -9.07 -12.60 22.99
N ALA A 234 -9.47 -13.06 24.17
CA ALA A 234 -8.73 -14.07 24.93
C ALA A 234 -8.44 -15.31 24.10
N ILE A 235 -9.51 -15.87 23.55
CA ILE A 235 -9.42 -17.09 22.76
C ILE A 235 -8.53 -17.02 21.53
N ILE A 236 -8.50 -15.87 20.86
CA ILE A 236 -7.69 -15.73 19.64
C ILE A 236 -6.31 -15.13 19.88
N SER A 237 -6.16 -14.46 21.00
CA SER A 237 -4.94 -13.80 21.37
C SER A 237 -3.66 -14.48 20.92
N PRO A 238 -3.54 -15.78 21.10
CA PRO A 238 -2.27 -16.33 20.65
C PRO A 238 -2.04 -16.46 19.16
N PHE A 239 -2.98 -16.02 18.34
CA PHE A 239 -2.79 -16.15 16.89
C PHE A 239 -2.70 -14.84 16.14
N ILE A 240 -2.78 -13.74 16.86
CA ILE A 240 -2.70 -12.44 16.23
C ILE A 240 -1.59 -11.61 16.84
N LEU A 241 -0.66 -11.18 16.00
CA LEU A 241 0.46 -10.35 16.44
C LEU A 241 0.23 -8.99 15.79
N ARG A 242 0.24 -7.92 16.56
CA ARG A 242 0.06 -6.61 15.97
C ARG A 242 0.81 -5.48 16.64
N ARG A 243 1.85 -4.97 15.97
CA ARG A 243 2.59 -3.84 16.52
C ARG A 243 2.07 -2.52 15.92
N THR A 244 2.19 -1.45 16.69
CA THR A 244 1.73 -0.11 16.36
C THR A 244 2.82 0.89 16.11
N LYS A 245 2.70 1.71 15.09
CA LYS A 245 3.72 2.70 14.80
C LYS A 245 3.92 3.58 16.02
N TYR A 246 2.93 3.63 16.91
CA TYR A 246 3.04 4.46 18.10
C TYR A 246 3.60 3.71 19.31
N ASP A 247 3.74 2.39 19.21
CA ASP A 247 4.28 1.63 20.34
C ASP A 247 5.64 2.19 20.71
N LYS A 248 5.75 2.75 21.91
CA LYS A 248 7.01 3.31 22.37
C LYS A 248 8.15 2.34 22.06
N ALA A 249 7.97 1.08 22.40
CA ALA A 249 8.99 0.08 22.13
C ALA A 249 9.41 0.09 20.65
N ILE A 250 8.52 0.53 19.78
CA ILE A 250 8.83 0.50 18.36
C ILE A 250 9.17 1.85 17.74
N ILE A 251 8.65 2.93 18.31
CA ILE A 251 8.96 4.26 17.79
C ILE A 251 10.45 4.35 17.58
N ASN A 252 11.17 3.70 18.48
CA ASN A 252 12.63 3.69 18.48
C ASN A 252 13.33 2.96 17.36
N ASP A 253 12.96 1.71 17.13
CA ASP A 253 13.63 0.95 16.06
C ASP A 253 13.40 1.54 14.67
N LEU A 254 12.38 2.38 14.54
CA LEU A 254 12.03 2.97 13.26
C LEU A 254 12.74 4.26 12.90
N PRO A 255 12.99 4.47 11.60
CA PRO A 255 13.65 5.67 11.07
C PRO A 255 12.76 6.90 11.18
N ASP A 256 13.30 8.06 10.84
CA ASP A 256 12.55 9.29 10.92
C ASP A 256 11.46 9.21 9.89
N LYS A 257 11.83 8.70 8.73
CA LYS A 257 10.85 8.58 7.68
C LYS A 257 10.98 7.26 6.95
N ILE A 258 9.85 6.58 6.78
CA ILE A 258 9.83 5.35 6.04
C ILE A 258 9.21 5.69 4.70
N GLU A 259 9.78 5.12 3.64
CA GLU A 259 9.33 5.35 2.28
C GLU A 259 8.66 4.10 1.75
N THR A 260 7.46 4.26 1.20
CA THR A 260 6.75 3.12 0.61
C THR A 260 6.24 3.52 -0.77
N ASN A 261 6.13 2.54 -1.65
CA ASN A 261 5.61 2.80 -3.00
C ASN A 261 4.23 2.24 -3.13
N VAL A 262 3.24 3.11 -3.34
CA VAL A 262 1.89 2.65 -3.47
C VAL A 262 1.52 2.60 -4.92
N TYR A 263 1.23 1.40 -5.41
CA TYR A 263 0.87 1.24 -6.80
C TYR A 263 -0.64 1.26 -6.98
N CYS A 264 -1.07 1.65 -8.16
CA CYS A 264 -2.47 1.71 -8.51
C CYS A 264 -2.54 1.40 -9.96
N ASN A 265 -3.64 0.78 -10.39
CA ASN A 265 -3.81 0.43 -11.79
C ASN A 265 -4.91 1.33 -12.36
N LEU A 266 -4.63 1.88 -13.54
CA LEU A 266 -5.53 2.80 -14.26
C LEU A 266 -6.89 2.20 -14.65
N THR A 267 -7.96 2.98 -14.50
CA THR A 267 -9.29 2.52 -14.90
C THR A 267 -9.27 2.39 -16.43
N PRO A 268 -10.20 1.62 -17.01
CA PRO A 268 -10.12 1.56 -18.45
C PRO A 268 -10.29 2.93 -19.12
N GLU A 269 -11.05 3.83 -18.49
CA GLU A 269 -11.20 5.18 -19.05
C GLU A 269 -9.79 5.78 -19.11
N GLN A 270 -9.22 6.03 -17.93
CA GLN A 270 -7.88 6.61 -17.82
C GLN A 270 -6.93 5.95 -18.78
N ALA A 271 -6.96 4.62 -18.82
CA ALA A 271 -6.06 3.89 -19.71
C ALA A 271 -6.22 4.44 -21.11
N ALA A 272 -7.47 4.55 -21.57
CA ALA A 272 -7.79 5.06 -22.90
C ALA A 272 -7.21 6.44 -23.09
N MET A 273 -7.62 7.36 -22.23
CA MET A 273 -7.15 8.73 -22.32
C MET A 273 -5.62 8.82 -22.42
N TYR A 274 -4.94 7.87 -21.76
CA TYR A 274 -3.48 7.87 -21.75
C TYR A 274 -2.91 7.47 -23.11
N LYS A 275 -3.21 6.26 -23.57
CA LYS A 275 -2.69 5.81 -24.86
C LYS A 275 -2.96 6.87 -25.91
N ALA A 276 -4.17 7.42 -25.88
CA ALA A 276 -4.58 8.46 -26.81
C ALA A 276 -3.60 9.61 -26.68
N GLU A 277 -3.68 10.33 -25.57
CA GLU A 277 -2.81 11.47 -25.30
C GLU A 277 -1.33 11.19 -25.54
N VAL A 278 -1.00 9.91 -25.73
CA VAL A 278 0.38 9.52 -25.99
C VAL A 278 0.60 9.64 -27.50
N GLU A 279 -0.29 9.01 -28.27
CA GLU A 279 -0.20 9.05 -29.72
C GLU A 279 -0.24 10.50 -30.24
N ASN A 280 -1.05 11.33 -29.60
CA ASN A 280 -1.21 12.72 -30.00
C ASN A 280 0.03 13.61 -29.85
N LEU A 281 1.01 13.18 -29.07
CA LEU A 281 2.24 13.97 -28.90
C LEU A 281 3.23 13.54 -29.95
N PHE A 282 3.10 12.28 -30.36
CA PHE A 282 3.99 11.71 -31.36
C PHE A 282 3.53 12.09 -32.77
N ASN A 283 2.28 11.81 -33.07
CA ASN A 283 1.73 12.11 -34.38
C ASN A 283 1.71 13.62 -34.62
N ASN A 284 2.44 14.35 -33.79
CA ASN A 284 2.55 15.80 -33.88
C ASN A 284 3.84 16.27 -33.22
N ILE A 285 4.93 15.55 -33.47
CA ILE A 285 6.23 15.91 -32.88
C ILE A 285 7.36 15.85 -33.90
N ASP A 286 7.34 14.83 -34.76
CA ASP A 286 8.37 14.69 -35.80
C ASP A 286 8.58 16.05 -36.44
N SER A 287 7.46 16.68 -36.79
CA SER A 287 7.48 18.00 -37.41
C SER A 287 8.17 19.01 -36.49
N VAL A 288 7.45 19.49 -35.48
CA VAL A 288 7.98 20.47 -34.53
C VAL A 288 9.35 20.10 -33.98
N THR A 289 9.98 21.05 -33.30
CA THR A 289 11.28 20.85 -32.70
C THR A 289 11.68 22.09 -31.92
N GLY A 290 12.94 22.18 -31.52
CA GLY A 290 13.40 23.33 -30.76
C GLY A 290 12.61 23.47 -29.48
N ILE A 291 12.65 24.65 -28.86
CA ILE A 291 11.93 24.89 -27.62
C ILE A 291 10.42 24.71 -27.87
N LYS A 292 10.06 24.44 -29.11
CA LYS A 292 8.67 24.20 -29.49
C LYS A 292 8.43 22.70 -29.41
N ARG A 293 9.29 22.03 -28.65
CA ARG A 293 9.21 20.60 -28.43
C ARG A 293 9.28 20.40 -26.92
N LYS A 294 10.03 21.28 -26.26
CA LYS A 294 10.18 21.21 -24.82
C LYS A 294 8.88 21.74 -24.21
N GLY A 295 8.17 22.55 -24.96
CA GLY A 295 6.91 23.08 -24.47
C GLY A 295 5.81 22.09 -24.81
N MET A 296 5.95 21.45 -25.97
CA MET A 296 4.98 20.48 -26.43
C MET A 296 5.00 19.22 -25.56
N ILE A 297 6.21 18.71 -25.32
CA ILE A 297 6.37 17.51 -24.50
C ILE A 297 5.86 17.81 -23.10
N LEU A 298 6.50 18.79 -22.46
CA LEU A 298 6.12 19.18 -21.11
C LEU A 298 4.62 19.37 -20.98
N SER A 299 3.94 19.62 -22.09
CA SER A 299 2.49 19.81 -22.05
C SER A 299 1.83 18.43 -21.91
N THR A 300 2.21 17.50 -22.79
CA THR A 300 1.65 16.17 -22.73
C THR A 300 1.85 15.57 -21.35
N LEU A 301 3.10 15.55 -20.91
CA LEU A 301 3.40 14.99 -19.60
C LEU A 301 2.37 15.50 -18.61
N LEU A 302 2.24 16.81 -18.51
CA LEU A 302 1.31 17.41 -17.58
C LEU A 302 -0.15 17.07 -17.81
N LYS A 303 -0.45 16.31 -18.85
CA LYS A 303 -1.82 15.90 -19.07
C LYS A 303 -1.90 14.46 -18.57
N LEU A 304 -0.92 13.65 -18.98
CA LEU A 304 -0.84 12.26 -18.53
C LEU A 304 -0.92 12.28 -17.01
N LYS A 305 -0.13 13.15 -16.40
CA LYS A 305 -0.12 13.26 -14.95
C LYS A 305 -1.52 13.54 -14.46
N GLN A 306 -2.25 14.39 -15.18
CA GLN A 306 -3.60 14.71 -14.75
C GLN A 306 -4.56 13.56 -14.99
N ILE A 307 -4.36 12.84 -16.09
CA ILE A 307 -5.22 11.71 -16.40
C ILE A 307 -5.13 10.71 -15.28
N VAL A 308 -3.93 10.31 -14.90
CA VAL A 308 -3.75 9.36 -13.81
C VAL A 308 -4.41 9.90 -12.53
N ASP A 309 -4.15 11.17 -12.20
CA ASP A 309 -4.76 11.73 -11.02
C ASP A 309 -6.27 11.57 -11.05
N HIS A 310 -6.89 12.08 -12.10
CA HIS A 310 -8.33 12.00 -12.28
C HIS A 310 -8.67 12.62 -13.62
N PRO A 311 -9.39 11.87 -14.47
CA PRO A 311 -9.75 12.40 -15.78
C PRO A 311 -10.76 13.55 -15.70
N ALA A 312 -11.54 13.58 -14.64
CA ALA A 312 -12.49 14.67 -14.48
C ALA A 312 -11.70 15.96 -14.63
N LEU A 313 -10.38 15.85 -14.53
CA LEU A 313 -9.50 17.01 -14.66
C LEU A 313 -9.38 17.47 -16.11
N LEU A 314 -9.77 16.60 -17.04
CA LEU A 314 -9.68 16.91 -18.45
C LEU A 314 -11.06 16.80 -19.11
N LYS A 315 -11.64 15.61 -19.11
CA LYS A 315 -12.98 15.40 -19.69
C LYS A 315 -14.03 16.15 -18.86
N GLY A 316 -13.61 16.71 -17.73
CA GLY A 316 -14.56 17.36 -16.86
C GLY A 316 -15.51 16.26 -16.41
N GLY A 317 -16.62 16.62 -15.78
CA GLY A 317 -17.54 15.56 -15.42
C GLY A 317 -17.73 15.19 -13.99
N GLU A 318 -17.82 13.88 -13.75
CA GLU A 318 -18.04 13.37 -12.41
C GLU A 318 -16.77 13.06 -11.61
N GLN A 319 -16.54 13.87 -10.59
CA GLN A 319 -15.37 13.77 -9.70
C GLN A 319 -15.53 12.69 -8.63
N SER A 320 -15.63 11.45 -9.08
CA SER A 320 -15.84 10.31 -8.21
C SER A 320 -14.58 9.47 -8.03
N VAL A 321 -14.59 8.63 -6.99
CA VAL A 321 -13.47 7.75 -6.69
C VAL A 321 -13.30 6.72 -7.77
N ARG A 322 -14.43 6.21 -8.27
CA ARG A 322 -14.44 5.17 -9.29
C ARG A 322 -13.71 5.49 -10.57
N ARG A 323 -13.60 6.76 -10.93
CA ARG A 323 -12.93 7.13 -12.18
C ARG A 323 -11.42 7.27 -12.12
N SER A 324 -10.83 7.09 -10.93
CA SER A 324 -9.37 7.20 -10.75
C SER A 324 -8.71 6.12 -9.91
N GLY A 325 -7.71 5.45 -10.47
CA GLY A 325 -7.00 4.42 -9.74
C GLY A 325 -6.23 4.97 -8.54
N LYS A 326 -5.72 6.18 -8.68
CA LYS A 326 -4.97 6.83 -7.61
C LYS A 326 -5.95 7.02 -6.48
N MET A 327 -7.08 7.62 -6.83
CA MET A 327 -8.15 7.91 -5.90
C MET A 327 -8.65 6.65 -5.19
N ILE A 328 -8.74 5.54 -5.91
CA ILE A 328 -9.20 4.32 -5.30
C ILE A 328 -8.20 3.92 -4.23
N ARG A 329 -6.94 3.72 -4.65
CA ARG A 329 -5.84 3.36 -3.75
C ARG A 329 -5.72 4.35 -2.62
N THR A 330 -5.67 5.62 -2.96
CA THR A 330 -5.55 6.63 -1.93
C THR A 330 -6.61 6.37 -0.89
N MET A 331 -7.83 6.15 -1.34
CA MET A 331 -8.96 5.91 -0.45
C MET A 331 -8.74 4.75 0.49
N GLU A 332 -8.11 3.68 -0.01
CA GLU A 332 -7.85 2.51 0.83
C GLU A 332 -6.80 2.90 1.86
N ILE A 333 -5.65 3.31 1.36
CA ILE A 333 -4.57 3.73 2.23
C ILE A 333 -5.03 4.81 3.20
N ILE A 334 -5.75 5.80 2.71
CA ILE A 334 -6.26 6.86 3.56
C ILE A 334 -7.04 6.27 4.73
N GLU A 335 -7.83 5.24 4.42
CA GLU A 335 -8.69 4.59 5.41
C GLU A 335 -8.01 3.71 6.46
N GLU A 336 -6.97 2.97 6.09
CA GLU A 336 -6.31 2.17 7.10
C GLU A 336 -5.60 3.12 8.07
N ALA A 337 -4.88 4.09 7.51
CA ALA A 337 -4.17 5.08 8.29
C ALA A 337 -5.12 5.71 9.29
N LEU A 338 -6.34 5.98 8.86
CA LEU A 338 -7.29 6.56 9.79
C LEU A 338 -7.55 5.62 10.96
N ASP A 339 -7.73 4.35 10.67
CA ASP A 339 -7.99 3.36 11.71
C ASP A 339 -6.79 3.16 12.61
N GLU A 340 -5.60 3.47 12.10
CA GLU A 340 -4.39 3.33 12.87
C GLU A 340 -4.21 4.62 13.68
N GLY A 341 -5.25 5.43 13.68
CA GLY A 341 -5.19 6.68 14.42
C GLY A 341 -4.20 7.71 13.91
N ASP A 342 -3.89 7.71 12.61
CA ASP A 342 -2.95 8.69 12.09
C ASP A 342 -3.61 9.98 11.69
N LYS A 343 -2.74 10.90 11.28
CA LYS A 343 -3.08 12.22 10.78
C LYS A 343 -2.33 12.21 9.45
N ILE A 344 -3.07 12.35 8.35
CA ILE A 344 -2.50 12.28 7.01
C ILE A 344 -2.38 13.62 6.32
N ALA A 345 -1.37 13.76 5.47
CA ALA A 345 -1.17 14.98 4.68
C ALA A 345 -1.01 14.51 3.24
N ILE A 346 -1.89 15.02 2.36
CA ILE A 346 -1.83 14.66 0.94
C ILE A 346 -1.43 15.87 0.12
N PHE A 347 -0.40 15.67 -0.69
CA PHE A 347 0.19 16.70 -1.54
C PHE A 347 -0.12 16.41 -3.00
N THR A 348 -0.61 17.42 -3.72
CA THR A 348 -0.85 17.25 -5.15
C THR A 348 -0.41 18.45 -5.97
N GLN A 349 0.26 18.10 -7.05
CA GLN A 349 0.79 19.05 -8.00
C GLN A 349 -0.25 20.08 -8.43
N PHE A 350 -1.44 19.59 -8.81
CA PHE A 350 -2.52 20.43 -9.31
C PHE A 350 -3.59 20.84 -8.32
N VAL A 351 -3.88 22.14 -8.27
CA VAL A 351 -4.89 22.69 -7.34
C VAL A 351 -6.27 22.08 -7.44
N ASP A 352 -6.72 21.76 -8.65
CA ASP A 352 -8.03 21.17 -8.86
C ASP A 352 -8.12 19.71 -8.43
N MET A 353 -7.02 18.97 -8.57
CA MET A 353 -7.01 17.58 -8.14
C MET A 353 -7.12 17.67 -6.63
N GLY A 354 -6.59 18.76 -6.09
CA GLY A 354 -6.64 18.94 -4.67
C GLY A 354 -8.08 19.08 -4.23
N LYS A 355 -8.82 19.97 -4.86
CA LYS A 355 -10.24 20.17 -4.51
C LYS A 355 -10.97 18.86 -4.64
N ILE A 356 -10.70 18.11 -5.70
CA ILE A 356 -11.36 16.84 -5.89
C ILE A 356 -11.07 15.98 -4.67
N ILE A 357 -9.78 15.81 -4.36
CA ILE A 357 -9.41 15.01 -3.19
C ILE A 357 -10.16 15.49 -1.94
N ARG A 358 -10.07 16.78 -1.63
CA ARG A 358 -10.77 17.27 -0.46
C ARG A 358 -12.22 16.83 -0.48
N ASN A 359 -12.92 17.16 -1.57
CA ASN A 359 -14.32 16.79 -1.75
C ASN A 359 -14.53 15.32 -1.44
N ILE A 360 -13.98 14.45 -2.28
CA ILE A 360 -14.14 13.02 -2.08
C ILE A 360 -13.96 12.62 -0.63
N ILE A 361 -12.79 12.95 -0.08
CA ILE A 361 -12.54 12.58 1.31
C ILE A 361 -13.57 13.23 2.21
N GLU A 362 -13.64 14.55 2.12
CA GLU A 362 -14.56 15.31 2.96
C GLU A 362 -15.94 14.69 3.00
N LYS A 363 -16.43 14.28 1.85
CA LYS A 363 -17.77 13.69 1.78
C LYS A 363 -17.79 12.29 2.31
N GLU A 364 -17.13 11.40 1.60
CA GLU A 364 -17.06 9.98 1.95
C GLU A 364 -16.71 9.58 3.38
N LEU A 365 -16.30 10.54 4.22
CA LEU A 365 -15.93 10.20 5.58
C LEU A 365 -16.43 11.23 6.60
N ASN A 366 -17.36 12.09 6.20
CA ASN A 366 -17.87 13.12 7.11
C ASN A 366 -16.73 13.58 7.98
N THR A 367 -15.97 14.55 7.51
CA THR A 367 -14.82 15.05 8.26
C THR A 367 -14.20 16.22 7.52
N GLU A 368 -13.65 17.19 8.23
CA GLU A 368 -13.04 18.33 7.55
C GLU A 368 -11.68 17.99 6.96
N VAL A 369 -11.39 18.58 5.81
CA VAL A 369 -10.15 18.35 5.12
C VAL A 369 -9.60 19.70 4.70
N PRO A 370 -9.07 20.49 5.65
CA PRO A 370 -8.52 21.79 5.28
C PRO A 370 -7.62 21.65 4.06
N PHE A 371 -7.89 22.50 3.08
CA PHE A 371 -7.16 22.50 1.81
C PHE A 371 -6.29 23.74 1.76
N LEU A 372 -5.02 23.55 1.45
CA LEU A 372 -4.11 24.66 1.39
C LEU A 372 -3.44 24.71 0.05
N TYR A 373 -3.55 25.87 -0.59
CA TYR A 373 -2.97 26.14 -1.90
C TYR A 373 -2.46 27.58 -1.96
N GLY A 374 -1.52 27.82 -2.88
CA GLY A 374 -0.92 29.13 -3.06
C GLY A 374 -1.80 30.32 -2.79
N GLU A 375 -2.50 30.80 -3.82
CA GLU A 375 -3.38 31.96 -3.68
C GLU A 375 -4.23 31.73 -2.44
N LEU A 376 -3.89 32.42 -1.35
CA LEU A 376 -4.62 32.28 -0.09
C LEU A 376 -3.92 33.15 0.95
N SER A 377 -4.64 34.14 1.46
CA SER A 377 -4.08 35.05 2.45
C SER A 377 -3.33 34.31 3.55
N LYS A 378 -2.18 34.85 3.94
CA LYS A 378 -1.37 34.25 5.00
C LYS A 378 -2.28 33.81 6.14
N LYS A 379 -3.23 34.66 6.50
CA LYS A 379 -4.17 34.36 7.57
C LYS A 379 -4.78 32.98 7.39
N GLU A 380 -5.22 32.67 6.18
CA GLU A 380 -5.83 31.39 5.88
C GLU A 380 -4.82 30.25 5.96
N ARG A 381 -3.72 30.40 5.24
CA ARG A 381 -2.66 29.38 5.26
C ARG A 381 -2.38 29.10 6.73
N ASP A 382 -2.33 30.15 7.52
CA ASP A 382 -2.08 30.03 8.95
C ASP A 382 -3.20 29.31 9.65
N ASP A 383 -4.41 29.85 9.56
CA ASP A 383 -5.58 29.25 10.21
C ASP A 383 -5.81 27.81 9.79
N ILE A 384 -5.50 27.51 8.53
CA ILE A 384 -5.64 26.16 8.01
C ILE A 384 -4.60 25.25 8.63
N ILE A 385 -3.33 25.60 8.45
CA ILE A 385 -2.26 24.79 9.00
C ILE A 385 -2.37 24.76 10.51
N SER A 386 -2.90 25.83 11.08
CA SER A 386 -3.09 25.86 12.51
C SER A 386 -4.18 24.83 12.83
N LYS A 387 -5.23 24.84 12.02
CA LYS A 387 -6.36 23.93 12.18
C LYS A 387 -5.90 22.47 12.12
N PHE A 388 -4.94 22.19 11.25
CA PHE A 388 -4.44 20.85 11.10
C PHE A 388 -3.50 20.45 12.23
N GLN A 389 -2.65 21.38 12.65
CA GLN A 389 -1.68 21.14 13.72
C GLN A 389 -2.36 20.82 15.03
N ASN A 390 -2.91 21.87 15.64
CA ASN A 390 -3.56 21.74 16.93
C ASN A 390 -4.75 20.80 17.01
N ASN A 391 -5.82 21.12 16.29
CA ASN A 391 -7.04 20.30 16.33
C ASN A 391 -6.79 18.81 16.06
N PRO A 392 -7.01 17.95 17.08
CA PRO A 392 -6.80 16.51 16.97
C PRO A 392 -7.96 15.86 16.23
N SER A 393 -9.02 16.62 16.06
CA SER A 393 -10.20 16.14 15.36
C SER A 393 -9.86 16.13 13.87
N VAL A 394 -9.20 17.18 13.40
CA VAL A 394 -8.82 17.25 12.00
C VAL A 394 -7.77 16.20 11.76
N LYS A 395 -8.05 15.26 10.87
CA LYS A 395 -7.08 14.22 10.58
C LYS A 395 -6.45 14.27 9.20
N PHE A 396 -6.93 15.17 8.36
CA PHE A 396 -6.41 15.31 6.99
C PHE A 396 -6.05 16.73 6.66
N ILE A 397 -5.25 16.86 5.61
CA ILE A 397 -4.86 18.16 5.08
C ILE A 397 -4.37 17.89 3.67
N VAL A 398 -4.94 18.61 2.71
CA VAL A 398 -4.51 18.42 1.35
C VAL A 398 -3.76 19.69 1.06
N LEU A 399 -2.71 19.60 0.26
CA LEU A 399 -1.93 20.78 -0.05
C LEU A 399 -1.49 20.79 -1.49
N SER A 400 -1.68 21.93 -2.14
CA SER A 400 -1.26 22.10 -3.52
C SER A 400 -0.49 23.39 -3.48
N VAL A 401 0.81 23.27 -3.31
CA VAL A 401 1.70 24.42 -3.25
C VAL A 401 2.86 24.20 -4.20
N LYS A 402 3.33 25.29 -4.81
CA LYS A 402 4.43 25.22 -5.76
C LYS A 402 5.69 25.83 -5.15
N ALA A 403 5.52 26.94 -4.45
CA ALA A 403 6.64 27.65 -3.83
C ALA A 403 7.52 26.73 -3.01
N GLY A 404 8.73 27.21 -2.71
CA GLY A 404 9.67 26.43 -1.93
C GLY A 404 9.03 26.03 -0.62
N GLY A 405 8.22 26.93 -0.06
CA GLY A 405 7.54 26.66 1.18
C GLY A 405 7.15 27.93 1.90
N PHE A 406 6.05 28.54 1.47
CA PHE A 406 5.56 29.78 2.07
C PHE A 406 5.77 29.74 3.59
N GLY A 407 5.01 28.89 4.25
CA GLY A 407 5.10 28.75 5.70
C GLY A 407 4.27 27.57 6.16
N ILE A 408 4.69 26.37 5.77
CA ILE A 408 3.99 25.13 6.11
C ILE A 408 4.62 24.34 7.28
N ASN A 409 3.86 24.21 8.37
CA ASN A 409 4.32 23.48 9.54
C ASN A 409 3.53 22.18 9.72
N LEU A 410 4.02 21.08 9.14
CA LEU A 410 3.33 19.81 9.20
C LEU A 410 3.98 18.79 10.14
N THR A 411 4.32 19.23 11.34
CA THR A 411 4.96 18.34 12.30
C THR A 411 4.00 17.32 12.91
N SER A 412 2.69 17.63 12.86
CA SER A 412 1.64 16.76 13.42
C SER A 412 1.30 15.56 12.54
N ALA A 413 1.76 15.58 11.29
CA ALA A 413 1.47 14.50 10.37
C ALA A 413 2.24 13.25 10.73
N ASN A 414 1.53 12.14 10.75
CA ASN A 414 2.12 10.84 11.05
C ASN A 414 2.36 10.20 9.70
N ARG A 415 1.51 10.54 8.74
CA ARG A 415 1.63 9.98 7.40
C ARG A 415 1.48 11.04 6.33
N VAL A 416 2.14 10.81 5.21
CA VAL A 416 2.17 11.73 4.07
C VAL A 416 2.03 10.99 2.74
N ILE A 417 1.15 11.45 1.87
CA ILE A 417 0.97 10.81 0.57
C ILE A 417 1.33 11.77 -0.56
N HIS A 418 2.20 11.31 -1.45
CA HIS A 418 2.56 12.11 -2.59
C HIS A 418 1.67 11.57 -3.68
N PHE A 419 0.55 12.28 -3.87
CA PHE A 419 -0.45 11.93 -4.86
C PHE A 419 0.21 12.04 -6.22
N ASP A 420 1.04 13.07 -6.37
CA ASP A 420 1.77 13.32 -7.60
C ASP A 420 3.23 13.00 -7.43
N ARG A 421 3.78 12.33 -8.44
CA ARG A 421 5.16 11.91 -8.45
C ARG A 421 6.17 12.97 -8.09
N TRP A 422 6.73 12.85 -6.90
CA TRP A 422 7.74 13.79 -6.40
C TRP A 422 9.10 13.47 -7.02
N TRP A 423 9.53 14.34 -7.95
CA TRP A 423 10.81 14.17 -8.64
C TRP A 423 11.86 15.21 -8.21
N ASP A 429 14.64 17.70 -2.29
CA ASP A 429 13.37 17.38 -1.64
C ASP A 429 13.51 17.44 -0.12
N GLN A 430 14.69 17.06 0.36
CA GLN A 430 14.98 17.09 1.78
C GLN A 430 14.75 18.51 2.27
N ALA A 431 15.24 19.47 1.49
CA ALA A 431 15.08 20.89 1.83
C ALA A 431 13.59 21.18 1.94
N THR A 432 12.81 20.58 1.04
CA THR A 432 11.36 20.75 1.01
C THR A 432 10.73 20.14 2.26
N ASP A 433 11.06 18.88 2.55
CA ASP A 433 10.53 18.20 3.72
C ASP A 433 10.92 18.97 4.96
N ARG A 434 12.16 19.47 4.98
CA ARG A 434 12.63 20.23 6.12
C ARG A 434 11.75 21.44 6.32
N VAL A 435 11.59 22.22 5.25
CA VAL A 435 10.76 23.42 5.30
C VAL A 435 9.37 23.11 5.88
N TYR A 436 8.66 22.19 5.26
CA TYR A 436 7.32 21.81 5.71
C TYR A 436 7.36 21.17 7.08
N ARG A 437 8.57 20.88 7.54
CA ARG A 437 8.80 20.24 8.84
C ARG A 437 8.23 18.84 8.92
N ILE A 438 8.32 18.10 7.82
CA ILE A 438 7.80 16.74 7.81
C ILE A 438 8.80 15.82 8.51
N GLY A 439 8.29 15.01 9.44
CA GLY A 439 9.13 14.09 10.18
C GLY A 439 10.13 14.76 11.11
N GLN A 440 9.84 15.98 11.52
CA GLN A 440 10.76 16.69 12.40
C GLN A 440 10.65 16.23 13.83
N THR A 441 9.47 16.43 14.41
CA THR A 441 9.27 16.06 15.80
C THR A 441 8.40 14.82 16.03
N ARG A 442 8.39 13.91 15.04
CA ARG A 442 7.62 12.66 15.06
C ARG A 442 8.12 11.83 13.91
N ASN A 443 8.05 10.52 14.02
CA ASN A 443 8.49 9.71 12.90
C ASN A 443 7.34 9.89 11.91
N VAL A 444 7.57 9.56 10.64
CA VAL A 444 6.51 9.73 9.66
C VAL A 444 6.61 8.73 8.52
N ILE A 445 5.48 8.20 8.09
CA ILE A 445 5.49 7.25 6.97
C ILE A 445 5.08 8.02 5.73
N VAL A 446 5.86 7.87 4.67
CA VAL A 446 5.62 8.58 3.42
C VAL A 446 5.30 7.67 2.25
N HIS A 447 4.20 8.01 1.59
CA HIS A 447 3.70 7.26 0.44
C HIS A 447 3.80 7.97 -0.88
N LYS A 448 4.32 7.24 -1.87
CA LYS A 448 4.46 7.77 -3.19
C LYS A 448 3.53 6.95 -4.06
N LEU A 449 2.54 7.60 -4.68
CA LEU A 449 1.62 6.87 -5.53
C LEU A 449 2.21 6.67 -6.92
N ILE A 450 2.21 5.43 -7.36
CA ILE A 450 2.75 5.09 -8.66
C ILE A 450 1.64 4.45 -9.46
N SER A 451 1.56 4.82 -10.74
CA SER A 451 0.55 4.28 -11.61
C SER A 451 1.27 3.30 -12.51
N VAL A 452 0.99 2.01 -12.32
CA VAL A 452 1.62 0.93 -13.06
C VAL A 452 1.56 1.09 -14.58
N GLY A 453 2.70 0.91 -15.24
CA GLY A 453 2.75 1.04 -16.69
C GLY A 453 2.50 2.51 -17.01
N THR A 454 3.40 3.36 -16.57
CA THR A 454 3.22 4.79 -16.76
C THR A 454 4.55 5.48 -16.63
N LEU A 455 4.65 6.70 -17.16
CA LEU A 455 5.88 7.45 -17.05
C LEU A 455 6.17 7.52 -15.57
N GLU A 456 5.11 7.44 -14.76
CA GLU A 456 5.24 7.48 -13.30
C GLU A 456 6.10 6.33 -12.80
N GLU A 457 5.99 5.19 -13.45
CA GLU A 457 6.76 4.02 -13.07
C GLU A 457 8.12 4.03 -13.75
N LYS A 458 8.14 4.15 -15.07
CA LYS A 458 9.41 4.14 -15.82
C LYS A 458 10.42 5.19 -15.42
N ILE A 459 9.99 6.42 -15.19
CA ILE A 459 10.94 7.44 -14.79
C ILE A 459 11.50 7.03 -13.42
N ASP A 460 10.67 6.35 -12.63
CA ASP A 460 11.04 5.86 -11.31
C ASP A 460 12.17 4.86 -11.49
N GLN A 461 12.21 4.24 -12.66
CA GLN A 461 13.20 3.25 -13.00
C GLN A 461 14.51 3.90 -13.50
N LEU A 462 14.43 4.66 -14.59
CA LEU A 462 15.59 5.31 -15.20
C LEU A 462 16.43 6.15 -14.22
N LEU A 463 15.80 6.67 -13.17
CA LEU A 463 16.48 7.49 -12.17
C LEU A 463 17.39 6.66 -11.29
N ALA A 464 16.84 5.57 -10.74
CA ALA A 464 17.59 4.68 -9.88
C ALA A 464 18.62 3.94 -10.74
N PHE A 465 18.60 4.21 -12.03
CA PHE A 465 19.54 3.60 -12.98
C PHE A 465 20.94 3.86 -12.49
N LYS A 466 21.24 5.14 -12.24
CA LYS A 466 22.54 5.54 -11.72
C LYS A 466 22.36 6.83 -10.95
N ARG A 467 21.90 7.87 -11.65
CA ARG A 467 21.66 9.16 -11.02
C ARG A 467 22.98 9.81 -10.58
N SER A 468 24.10 9.14 -10.86
CA SER A 468 25.42 9.67 -10.50
C SER A 468 25.73 10.75 -11.53
N LEU A 469 24.80 10.91 -12.48
CA LEU A 469 24.88 11.90 -13.54
C LEU A 469 23.60 12.72 -13.51
N PHE A 470 22.60 12.19 -12.82
CA PHE A 470 21.30 12.85 -12.70
C PHE A 470 21.11 13.61 -11.38
N LYS A 471 21.71 13.11 -10.30
CA LYS A 471 21.56 13.74 -8.99
C LYS A 471 22.22 15.12 -8.92
N ASP A 472 23.53 15.16 -9.14
CA ASP A 472 24.25 16.42 -9.08
C ASP A 472 23.86 17.35 -10.23
N ILE A 473 23.82 16.81 -11.44
CA ILE A 473 23.49 17.59 -12.63
C ILE A 473 22.02 18.02 -12.73
N ILE A 474 21.28 17.38 -13.63
CA ILE A 474 19.87 17.68 -13.88
C ILE A 474 19.04 18.11 -12.66
N SER A 475 18.02 18.92 -12.90
CA SER A 475 17.15 19.44 -11.85
C SER A 475 15.87 18.63 -11.63
N SER A 476 14.80 19.35 -11.29
CA SER A 476 13.49 18.75 -11.01
C SER A 476 12.99 17.83 -12.12
N GLY A 477 12.10 16.92 -11.73
CA GLY A 477 11.54 15.93 -12.64
C GLY A 477 10.97 16.37 -13.98
N ASP A 478 9.94 17.22 -13.95
CA ASP A 478 9.31 17.70 -15.17
C ASP A 478 10.30 18.12 -16.27
N SER A 479 11.10 19.14 -15.98
CA SER A 479 12.10 19.66 -16.90
C SER A 479 12.72 18.63 -17.85
N TRP A 480 13.82 18.04 -17.41
CA TRP A 480 14.57 17.06 -18.19
C TRP A 480 13.83 15.96 -18.95
N ILE A 481 12.67 15.54 -18.45
CA ILE A 481 11.93 14.49 -19.13
C ILE A 481 11.75 14.81 -20.61
N THR A 482 11.94 16.08 -20.95
CA THR A 482 11.79 16.55 -22.32
C THR A 482 13.04 16.41 -23.18
N GLU A 483 14.20 16.36 -22.55
CA GLU A 483 15.45 16.21 -23.28
C GLU A 483 15.54 14.82 -23.85
N LEU A 484 14.59 13.98 -23.44
CA LEU A 484 14.54 12.61 -23.92
C LEU A 484 14.34 12.63 -25.42
N SER A 485 15.16 11.85 -26.12
CA SER A 485 15.06 11.76 -27.56
C SER A 485 14.06 10.67 -27.93
N THR A 486 13.05 11.06 -28.70
CA THR A 486 11.99 10.15 -29.16
C THR A 486 12.16 8.67 -28.86
N GLU A 487 13.33 8.11 -29.20
CA GLU A 487 13.60 6.69 -28.98
C GLU A 487 13.23 6.20 -27.57
N GLU A 488 13.65 6.95 -26.55
CA GLU A 488 13.34 6.55 -25.18
C GLU A 488 12.07 7.22 -24.67
N LEU A 489 11.76 8.40 -25.18
CA LEU A 489 10.56 9.07 -24.74
C LEU A 489 9.43 8.08 -25.02
N ARG A 490 9.48 7.42 -26.18
CA ARG A 490 8.46 6.45 -26.51
C ARG A 490 8.58 5.23 -25.62
N LYS A 491 9.63 5.20 -24.81
CA LYS A 491 9.85 4.08 -23.90
C LYS A 491 9.30 4.45 -22.51
N VAL A 492 9.76 5.59 -22.01
CA VAL A 492 9.35 6.08 -20.71
C VAL A 492 7.85 6.35 -20.58
N ILE A 493 7.35 7.33 -21.33
CA ILE A 493 5.94 7.70 -21.26
C ILE A 493 4.95 6.71 -21.84
N GLU A 494 5.33 6.04 -22.92
CA GLU A 494 4.43 5.07 -23.54
C GLU A 494 3.77 4.19 -22.50
N LEU A 495 2.45 4.14 -22.50
CA LEU A 495 1.75 3.29 -21.54
C LEU A 495 2.28 1.90 -21.77
N SER A 496 2.31 1.09 -20.71
CA SER A 496 2.83 -0.26 -20.84
C SER A 496 2.02 -1.26 -20.04
N VAL A 497 1.11 -1.95 -20.73
CA VAL A 497 0.30 -2.98 -20.09
C VAL A 497 0.37 -4.22 -20.99
N GLY A 498 0.84 -5.34 -20.44
CA GLY A 498 0.95 -6.55 -21.23
C GLY A 498 -0.33 -7.35 -21.24
HG HG B . -1.69 -10.23 -6.17
HG HG C . -3.49 5.22 -11.19
HG HG D . -6.95 -10.59 12.57
P PO4 E . -18.94 -21.18 19.67
O1 PO4 E . -20.39 -21.25 19.97
O2 PO4 E . -18.17 -21.47 20.90
O3 PO4 E . -18.60 -22.20 18.63
O4 PO4 E . -18.60 -19.83 19.16
P PO4 F . 1.76 -0.85 0.86
O1 PO4 F . 1.88 -0.09 -0.41
O2 PO4 F . 0.37 -1.35 1.00
O3 PO4 F . 2.70 -2.00 0.85
O4 PO4 F . 2.09 0.04 2.00
P PO4 G . -11.77 26.24 -1.51
O1 PO4 G . -11.24 27.62 -1.59
O2 PO4 G . -11.15 25.55 -0.34
O3 PO4 G . -13.24 26.29 -1.32
O4 PO4 G . -11.46 25.50 -2.75
P PO4 H . 3.50 -3.02 5.15
O1 PO4 H . 3.39 -3.50 6.56
O2 PO4 H . 2.16 -2.62 4.68
O3 PO4 H . 4.43 -1.85 5.10
O4 PO4 H . 4.03 -4.11 4.30
P PO4 I . 0.69 -5.43 3.24
O1 PO4 I . 0.14 -4.09 3.63
O2 PO4 I . 0.93 -5.47 1.78
O3 PO4 I . 1.96 -5.67 3.96
O4 PO4 I . -0.28 -6.47 3.62
P PO4 J . 5.77 19.36 17.89
O1 PO4 J . 6.74 20.19 17.12
O2 PO4 J . 5.26 20.14 19.05
O3 PO4 J . 6.46 18.14 18.38
O4 PO4 J . 4.63 18.98 17.01
P PO4 K . 10.54 12.21 0.83
O1 PO4 K . 9.44 12.44 1.79
O2 PO4 K . 10.41 13.16 -0.31
O3 PO4 K . 11.84 12.42 1.50
O4 PO4 K . 10.47 10.82 0.31
P PO4 L . 5.11 8.68 15.41
O1 PO4 L . 4.84 9.46 16.65
O2 PO4 L . 6.55 8.35 15.34
O3 PO4 L . 4.30 7.43 15.42
O4 PO4 L . 4.73 9.50 14.22
#